data_6HER
#
_entry.id   6HER
#
_cell.length_a   37.328
_cell.length_b   74.646
_cell.length_c   116.477
_cell.angle_alpha   90.00
_cell.angle_beta   90.00
_cell.angle_gamma   90.00
#
_symmetry.space_group_name_H-M   'P 21 21 21'
#
loop_
_entity.id
_entity.type
_entity.pdbx_description
1 polymer 'Major prion protein'
2 polymer 'Nanobody 484'
3 non-polymer 'SULFATE ION'
4 non-polymer GLYCEROL
5 water water
#
loop_
_entity_poly.entity_id
_entity_poly.type
_entity_poly.pdbx_seq_one_letter_code
_entity_poly.pdbx_strand_id
1 'polypeptide(L)'
;AGAVVGGLGGYMLGSAMSRPMIHFGNDWEDRYYRENMYRYPNQVYYRPVDQYSNQNNFVHDCVNITIKQHTVTTTTKGEN
FTETDVKMMERVVEQMCVTQYQKESQAYYD
;
A
2 'polypeptide(L)'
;QVQLQESGGGLVQPGGSLRLSCAASGRTFSSYNMGWFRQAPGKGREFVASITSSGDKSDYTDSVKGRFTISRDNAKNTMY
LQMNNLKPEDTATYYCARGLGIYIIRARGGYDHWGQGTQVTVSS
;
B
#
loop_
_chem_comp.id
_chem_comp.type
_chem_comp.name
_chem_comp.formula
GOL non-polymer GLYCEROL 'C3 H8 O3'
SO4 non-polymer 'SULFATE ION' 'O4 S -2'
#
# COMPACT_ATOMS: atom_id res chain seq x y z
N ALA A 1 -17.27 9.14 -8.48
CA ALA A 1 -16.83 7.75 -8.64
C ALA A 1 -15.94 7.58 -9.86
N GLY A 2 -15.22 6.46 -9.88
CA GLY A 2 -14.41 6.10 -11.04
C GLY A 2 -13.34 7.11 -11.43
N ALA A 3 -12.68 7.71 -10.44
CA ALA A 3 -11.64 8.69 -10.72
C ALA A 3 -10.31 8.01 -10.97
N VAL A 4 -9.49 8.65 -11.79
CA VAL A 4 -8.18 8.13 -12.20
C VAL A 4 -7.11 9.04 -11.63
N VAL A 5 -6.14 8.46 -10.92
CA VAL A 5 -4.98 9.17 -10.42
C VAL A 5 -3.77 8.35 -10.79
N GLY A 6 -2.78 8.97 -11.43
CA GLY A 6 -1.56 8.27 -11.79
C GLY A 6 -1.78 7.08 -12.70
N GLY A 7 -2.81 7.14 -13.55
CA GLY A 7 -3.09 6.08 -14.49
C GLY A 7 -3.88 4.92 -13.94
N LEU A 8 -4.27 4.96 -12.68
CA LEU A 8 -5.09 3.92 -12.07
C LEU A 8 -6.47 4.49 -11.78
N GLY A 9 -7.50 3.83 -12.28
CA GLY A 9 -8.87 4.22 -12.03
C GLY A 9 -9.44 3.55 -10.79
N GLY A 10 -10.75 3.69 -10.64
CA GLY A 10 -11.44 3.06 -9.53
C GLY A 10 -11.33 3.79 -8.21
N TYR A 11 -10.80 5.01 -8.20
CA TYR A 11 -10.79 5.79 -6.98
C TYR A 11 -12.13 6.45 -6.77
N MET A 12 -12.51 6.58 -5.51
CA MET A 12 -13.70 7.31 -5.11
C MET A 12 -13.24 8.70 -4.65
N GLY A 14 -14.51 11.57 -2.10
CA GLY A 14 -15.38 11.91 -0.98
C GLY A 14 -16.00 13.30 -1.09
N SER A 15 -17.11 13.49 -0.39
CA SER A 15 -17.75 14.80 -0.42
C SER A 15 -16.90 15.83 0.32
N ALA A 16 -17.10 17.09 -0.02
CA ALA A 16 -16.31 18.16 0.56
C ALA A 16 -16.53 18.24 2.06
N MET A 17 -15.46 18.50 2.79
CA MET A 17 -15.46 18.63 4.23
C MET A 17 -14.94 20.01 4.58
N SER A 18 -15.40 20.55 5.70
CA SER A 18 -14.82 21.80 6.18
C SER A 18 -13.38 21.55 6.63
N ARG A 19 -12.48 22.41 6.20
CA ARG A 19 -11.09 22.31 6.64
C ARG A 19 -10.98 22.91 8.04
N PRO A 20 -10.57 22.14 9.03
CA PRO A 20 -10.40 22.69 10.37
C PRO A 20 -9.00 23.27 10.55
N MET A 21 -8.84 24.00 11.63
CA MET A 21 -7.52 24.44 12.05
C MET A 21 -6.76 23.27 12.64
N ILE A 22 -5.49 23.15 12.28
CA ILE A 22 -4.57 22.18 12.88
C ILE A 22 -3.70 22.94 13.85
N HIS A 23 -3.55 22.41 15.06
CA HIS A 23 -2.81 23.06 16.15
C HIS A 23 -1.46 22.35 16.30
N PHE A 24 -0.40 23.03 15.89
CA PHE A 24 0.93 22.44 15.77
C PHE A 24 1.78 22.60 17.02
N GLY A 25 1.34 23.40 17.99
CA GLY A 25 2.16 23.65 19.16
C GLY A 25 3.30 24.61 18.93
N ASN A 26 3.24 25.39 17.86
CA ASN A 26 4.29 26.33 17.50
C ASN A 26 3.62 27.53 16.81
N ASP A 27 4.02 28.74 17.19
CA ASP A 27 3.35 29.93 16.66
C ASP A 27 3.53 30.05 15.15
N TRP A 28 4.75 29.87 14.67
CA TRP A 28 5.01 30.03 13.24
C TRP A 28 4.23 29.01 12.42
N GLU A 29 4.24 27.75 12.83
CA GLU A 29 3.52 26.73 12.08
C GLU A 29 2.02 27.02 12.10
N ASP A 30 1.49 27.42 13.26
CA ASP A 30 0.07 27.76 13.32
C ASP A 30 -0.27 28.92 12.40
N ARG A 31 0.56 29.96 12.39
CA ARG A 31 0.30 31.10 11.52
C ARG A 31 0.42 30.69 10.05
N TYR A 32 1.47 29.95 9.70
CA TYR A 32 1.62 29.48 8.33
C TYR A 32 0.41 28.64 7.92
N TYR A 33 -0.05 27.75 8.80
CA TYR A 33 -1.20 26.93 8.44
C TYR A 33 -2.45 27.79 8.23
N ARG A 34 -2.70 28.73 9.14
CA ARG A 34 -3.85 29.61 8.98
C ARG A 34 -3.79 30.35 7.65
N GLU A 35 -2.59 30.76 7.24
CA GLU A 35 -2.42 31.48 5.99
C GLU A 35 -2.67 30.61 4.76
N ASN A 36 -2.31 29.32 4.84
CA ASN A 36 -2.24 28.47 3.66
C ASN A 36 -3.31 27.39 3.60
N MET A 37 -4.16 27.28 4.62
CA MET A 37 -5.01 26.09 4.76
C MET A 37 -5.99 25.93 3.60
N TYR A 38 -6.40 27.02 2.96
CA TYR A 38 -7.36 26.91 1.86
C TYR A 38 -6.71 26.48 0.55
N ARG A 39 -5.38 26.45 0.49
CA ARG A 39 -4.68 25.85 -0.64
C ARG A 39 -4.63 24.33 -0.58
N TYR A 40 -5.09 23.74 0.51
CA TYR A 40 -4.98 22.32 0.77
C TYR A 40 -6.33 21.63 0.48
N PRO A 41 -6.35 20.30 0.33
CA PRO A 41 -7.59 19.65 -0.11
C PRO A 41 -8.72 19.76 0.91
N ASN A 42 -9.96 19.70 0.41
CA ASN A 42 -11.14 19.53 1.24
C ASN A 42 -11.98 18.33 0.84
N GLN A 43 -11.46 17.49 -0.06
CA GLN A 43 -12.09 16.25 -0.51
C GLN A 43 -10.96 15.22 -0.62
N VAL A 44 -11.24 13.98 -0.23
CA VAL A 44 -10.21 12.95 -0.21
C VAL A 44 -10.53 11.85 -1.22
N TYR A 45 -9.48 11.32 -1.82
CA TYR A 45 -9.56 10.15 -2.69
C TYR A 45 -9.35 8.89 -1.85
N TYR A 46 -10.13 7.86 -2.14
CA TYR A 46 -10.03 6.61 -1.40
C TYR A 46 -10.46 5.47 -2.33
N ARG A 47 -10.35 4.25 -1.81
CA ARG A 47 -10.81 3.06 -2.50
C ARG A 47 -11.71 2.26 -1.57
N PRO A 48 -12.56 1.38 -2.12
CA PRO A 48 -13.49 0.62 -1.28
C PRO A 48 -12.80 -0.09 -0.12
N VAL A 49 -13.47 -0.13 1.03
CA VAL A 49 -12.86 -0.61 2.27
C VAL A 49 -12.44 -2.08 2.16
N ASP A 50 -13.12 -2.87 1.33
CA ASP A 50 -12.77 -4.29 1.21
C ASP A 50 -11.38 -4.50 0.62
N GLN A 51 -10.81 -3.46 0.00
CA GLN A 51 -9.48 -3.54 -0.59
C GLN A 51 -8.36 -3.39 0.44
N TYR A 52 -8.71 -3.25 1.73
CA TYR A 52 -7.76 -3.05 2.81
C TYR A 52 -8.06 -3.99 3.97
N SER A 53 -7.01 -4.29 4.74
CA SER A 53 -7.19 -5.10 5.94
C SER A 53 -7.76 -4.31 7.10
N ASN A 54 -7.57 -3.00 7.13
CA ASN A 54 -7.88 -2.23 8.32
C ASN A 54 -7.89 -0.75 7.98
N GLN A 55 -8.20 0.05 9.00
CA GLN A 55 -8.26 1.50 8.83
C GLN A 55 -6.90 2.08 8.46
N ASN A 56 -5.83 1.61 9.11
CA ASN A 56 -4.51 2.22 8.88
C ASN A 56 -4.11 2.14 7.41
N ASN A 57 -4.39 1.01 6.76
CA ASN A 57 -3.97 0.86 5.38
C ASN A 57 -4.86 1.67 4.43
N PHE A 58 -6.16 1.70 4.69
CA PHE A 58 -7.06 2.59 3.95
C PHE A 58 -6.59 4.04 4.06
N VAL A 59 -6.29 4.48 5.28
CA VAL A 59 -5.93 5.88 5.51
C VAL A 59 -4.60 6.21 4.84
N HIS A 60 -3.66 5.26 4.87
CA HIS A 60 -2.37 5.49 4.22
C HIS A 60 -2.54 5.82 2.74
N ASP A 61 -3.31 5.01 2.02
CA ASP A 61 -3.56 5.28 0.61
C ASP A 61 -4.29 6.61 0.43
N CYS A 62 -5.33 6.84 1.24
CA CYS A 62 -6.13 8.04 1.14
C CYS A 62 -5.26 9.30 1.29
N VAL A 63 -4.36 9.30 2.28
CA VAL A 63 -3.48 10.45 2.45
C VAL A 63 -2.54 10.59 1.27
N ASN A 64 -1.86 9.49 0.91
CA ASN A 64 -0.86 9.52 -0.15
C ASN A 64 -1.46 9.97 -1.48
N ILE A 65 -2.55 9.34 -1.90
CA ILE A 65 -3.12 9.63 -3.21
C ILE A 65 -3.79 11.01 -3.23
N THR A 66 -4.46 11.39 -2.14
CA THR A 66 -5.08 12.72 -2.11
C THR A 66 -4.02 13.81 -2.29
N ILE A 67 -2.88 13.66 -1.61
CA ILE A 67 -1.84 14.69 -1.71
C ILE A 67 -1.17 14.65 -3.08
N LYS A 68 -0.93 13.46 -3.61
CA LYS A 68 -0.37 13.35 -4.95
C LYS A 68 -1.26 14.00 -5.98
N GLN A 69 -2.58 13.71 -5.92
CA GLN A 69 -3.50 14.29 -6.89
C GLN A 69 -3.50 15.81 -6.79
N HIS A 70 -3.42 16.33 -5.56
CA HIS A 70 -3.52 17.77 -5.33
C HIS A 70 -2.24 18.48 -5.77
N THR A 71 -1.08 17.86 -5.56
CA THR A 71 0.17 18.51 -5.87
C THR A 71 0.63 18.31 -7.31
N VAL A 72 0.17 17.25 -7.99
CA VAL A 72 0.50 17.12 -9.40
C VAL A 72 -0.44 17.95 -10.27
N THR A 73 -1.67 18.20 -9.80
CA THR A 73 -2.60 19.03 -10.56
C THR A 73 -2.60 20.46 -10.01
N ASN A 80 2.49 27.03 -5.68
CA ASN A 80 3.44 25.93 -5.68
C ASN A 80 3.63 25.39 -4.26
N PHE A 81 3.53 24.07 -4.13
CA PHE A 81 3.58 23.42 -2.83
C PHE A 81 5.00 23.02 -2.47
N THR A 82 5.42 23.41 -1.27
CA THR A 82 6.75 23.11 -0.76
C THR A 82 6.68 21.89 0.15
N GLU A 83 7.83 21.52 0.70
CA GLU A 83 7.87 20.38 1.63
C GLU A 83 7.12 20.71 2.92
N THR A 84 7.14 21.98 3.34
CA THR A 84 6.32 22.38 4.48
C THR A 84 4.84 22.18 4.19
N ASP A 85 4.41 22.55 2.98
CA ASP A 85 3.01 22.37 2.61
C ASP A 85 2.62 20.89 2.63
N VAL A 86 3.50 20.02 2.11
CA VAL A 86 3.20 18.60 2.11
C VAL A 86 3.06 18.07 3.54
N LYS A 87 3.94 18.50 4.43
CA LYS A 87 3.86 18.04 5.82
C LYS A 87 2.56 18.50 6.49
N MET A 88 2.13 19.72 6.20
CA MET A 88 0.89 20.18 6.80
C MET A 88 -0.33 19.51 6.16
N MET A 89 -0.28 19.31 4.84
CA MET A 89 -1.32 18.54 4.19
C MET A 89 -1.45 17.14 4.78
N GLU A 90 -0.32 16.53 5.15
CA GLU A 90 -0.40 15.21 5.74
C GLU A 90 -1.22 15.20 7.02
N ARG A 91 -1.14 16.28 7.80
CA ARG A 91 -1.88 16.35 9.07
C ARG A 91 -3.38 16.50 8.81
N VAL A 92 -3.78 17.46 7.98
CA VAL A 92 -5.21 17.70 7.81
C VAL A 92 -5.85 16.59 6.96
N VAL A 93 -5.15 16.12 5.92
CA VAL A 93 -5.72 15.06 5.08
C VAL A 93 -5.89 13.77 5.86
N GLU A 94 -4.98 13.48 6.80
CA GLU A 94 -5.13 12.30 7.64
C GLU A 94 -6.44 12.34 8.42
N GLN A 95 -6.75 13.49 9.02
CA GLN A 95 -8.01 13.61 9.75
C GLN A 95 -9.20 13.37 8.85
N MET A 96 -9.19 13.96 7.66
CA MET A 96 -10.31 13.78 6.74
C MET A 96 -10.41 12.34 6.26
N CYS A 97 -9.28 11.67 6.06
CA CYS A 97 -9.29 10.28 5.62
C CYS A 97 -9.83 9.37 6.70
N VAL A 98 -9.55 9.68 7.97
CA VAL A 98 -10.11 8.92 9.08
C VAL A 98 -11.63 9.07 9.10
N THR A 99 -12.10 10.32 8.98
CA THR A 99 -13.54 10.56 8.89
C THR A 99 -14.15 9.80 7.72
N GLN A 100 -13.48 9.83 6.56
CA GLN A 100 -14.01 9.13 5.40
C GLN A 100 -14.05 7.62 5.65
N TYR A 101 -13.02 7.07 6.29
CA TYR A 101 -13.02 5.64 6.57
C TYR A 101 -14.19 5.24 7.46
N GLN A 102 -14.48 6.05 8.48
CA GLN A 102 -15.59 5.72 9.36
C GLN A 102 -16.91 5.72 8.62
N LYS A 103 -17.10 6.68 7.71
CA LYS A 103 -18.28 6.70 6.86
C LYS A 103 -18.36 5.43 6.01
N GLU A 104 -17.27 5.07 5.33
CA GLU A 104 -17.30 3.91 4.45
C GLU A 104 -17.44 2.60 5.23
N SER A 105 -16.79 2.52 6.39
CA SER A 105 -16.88 1.31 7.21
C SER A 105 -18.30 1.07 7.68
N GLN A 106 -18.97 2.12 8.17
CA GLN A 106 -20.35 1.97 8.63
C GLN A 106 -21.26 1.52 7.49
N ALA A 107 -21.07 2.09 6.29
CA ALA A 107 -21.89 1.69 5.15
C ALA A 107 -21.63 0.23 4.77
N TYR A 108 -20.37 -0.21 4.90
CA TYR A 108 -20.02 -1.57 4.49
C TYR A 108 -20.61 -2.62 5.43
N TYR A 109 -20.46 -2.41 6.73
CA TYR A 109 -21.10 -3.31 7.68
C TYR A 109 -22.60 -3.07 7.78
N ASP A 110 -23.08 -1.97 7.18
CA ASP A 110 -24.50 -1.73 6.88
C ASP A 110 -25.34 -1.32 8.09
N GLN B 1 1.91 -8.68 -21.02
CA GLN B 1 2.65 -9.90 -21.30
C GLN B 1 3.59 -10.34 -20.18
N VAL B 2 3.84 -9.49 -19.18
CA VAL B 2 4.56 -9.94 -17.99
C VAL B 2 3.59 -10.71 -17.12
N GLN B 3 3.87 -12.00 -16.92
CA GLN B 3 3.11 -12.85 -16.02
C GLN B 3 4.04 -13.34 -14.90
N LEU B 4 3.44 -13.87 -13.85
CA LEU B 4 4.15 -14.07 -12.59
C LEU B 4 3.90 -15.46 -12.01
N GLN B 5 4.88 -15.97 -11.28
CA GLN B 5 4.69 -17.23 -10.56
C GLN B 5 5.56 -17.27 -9.31
N GLU B 6 4.94 -17.51 -8.18
CA GLU B 6 5.63 -17.60 -6.91
C GLU B 6 6.33 -18.94 -6.74
N SER B 7 7.49 -18.90 -6.08
N SER B 7 7.47 -18.91 -6.04
CA SER B 7 8.18 -20.10 -5.60
CA SER B 7 8.14 -20.12 -5.58
C SER B 7 8.61 -19.88 -4.15
C SER B 7 8.64 -19.88 -4.16
N GLY B 8 9.11 -20.95 -3.53
CA GLY B 8 9.38 -20.90 -2.11
C GLY B 8 8.14 -21.21 -1.32
N GLY B 9 8.26 -21.20 -0.01
CA GLY B 9 7.16 -21.54 0.86
C GLY B 9 7.41 -22.84 1.61
N GLY B 10 6.35 -23.36 2.19
CA GLY B 10 6.43 -24.59 2.96
C GLY B 10 6.17 -24.35 4.43
N LEU B 11 6.96 -24.99 5.28
CA LEU B 11 6.78 -24.93 6.72
C LEU B 11 7.93 -24.14 7.33
N VAL B 12 7.65 -23.38 8.39
CA VAL B 12 8.68 -22.62 9.11
C VAL B 12 8.29 -22.59 10.58
N GLN B 13 9.28 -22.73 11.45
CA GLN B 13 9.01 -22.66 12.87
C GLN B 13 8.84 -21.20 13.31
N PRO B 14 8.05 -20.96 14.37
CA PRO B 14 7.96 -19.60 14.92
C PRO B 14 9.36 -19.05 15.23
N GLY B 15 9.59 -17.80 14.86
CA GLY B 15 10.89 -17.19 14.99
C GLY B 15 11.85 -17.50 13.87
N GLY B 16 11.53 -18.43 12.98
CA GLY B 16 12.39 -18.78 11.88
C GLY B 16 12.25 -17.81 10.71
N SER B 17 12.90 -18.18 9.61
N SER B 17 12.86 -18.19 9.60
CA SER B 17 12.92 -17.37 8.41
CA SER B 17 12.91 -17.34 8.42
C SER B 17 12.67 -18.22 7.18
C SER B 17 12.83 -18.17 7.15
N LEU B 18 12.27 -17.57 6.10
CA LEU B 18 12.26 -18.18 4.77
C LEU B 18 12.14 -17.07 3.74
N ARG B 19 12.41 -17.42 2.49
CA ARG B 19 12.41 -16.45 1.40
CA ARG B 19 12.41 -16.45 1.40
C ARG B 19 11.46 -16.93 0.31
N LEU B 20 10.58 -16.06 -0.14
CA LEU B 20 9.74 -16.34 -1.29
C LEU B 20 10.33 -15.64 -2.50
N SER B 21 10.09 -16.21 -3.68
N SER B 21 10.06 -16.21 -3.67
CA SER B 21 10.45 -15.56 -4.92
CA SER B 21 10.44 -15.63 -4.95
C SER B 21 9.22 -15.46 -5.82
C SER B 21 9.22 -15.46 -5.83
N CYS B 22 9.28 -14.50 -6.73
CA CYS B 22 8.21 -14.24 -7.71
C CYS B 22 8.91 -14.06 -9.05
N ALA B 23 8.84 -15.08 -9.90
CA ALA B 23 9.49 -15.05 -11.20
C ALA B 23 8.54 -14.44 -12.23
N ALA B 24 9.10 -13.62 -13.13
CA ALA B 24 8.31 -12.90 -14.12
C ALA B 24 8.71 -13.33 -15.52
N SER B 25 7.71 -13.41 -16.39
CA SER B 25 7.93 -13.69 -17.81
C SER B 25 7.91 -12.38 -18.59
N GLY B 26 8.15 -12.47 -19.88
CA GLY B 26 8.17 -11.29 -20.71
C GLY B 26 9.44 -10.48 -20.52
N ARG B 27 9.46 -9.32 -21.15
CA ARG B 27 10.68 -8.54 -21.29
C ARG B 27 10.71 -7.26 -20.46
N THR B 28 9.63 -6.92 -19.78
CA THR B 28 9.52 -5.60 -19.18
C THR B 28 9.26 -5.63 -17.67
N PHE B 29 9.65 -6.71 -16.98
CA PHE B 29 9.52 -6.76 -15.53
C PHE B 29 10.09 -5.52 -14.87
N SER B 30 11.25 -5.06 -15.35
N SER B 30 11.24 -5.05 -15.36
CA SER B 30 11.94 -3.93 -14.73
CA SER B 30 11.93 -3.92 -14.75
C SER B 30 11.17 -2.62 -14.85
C SER B 30 11.13 -2.64 -14.80
N SER B 31 10.11 -2.56 -15.66
CA SER B 31 9.30 -1.38 -15.78
C SER B 31 8.07 -1.39 -14.88
N TYR B 32 7.82 -2.47 -14.14
CA TYR B 32 6.62 -2.61 -13.33
C TYR B 32 6.92 -2.40 -11.85
N ASN B 33 6.13 -1.55 -11.19
CA ASN B 33 6.01 -1.67 -9.74
C ASN B 33 5.44 -3.04 -9.42
N MET B 34 5.74 -3.55 -8.22
CA MET B 34 5.37 -4.91 -7.86
C MET B 34 4.91 -4.96 -6.40
N GLY B 35 4.08 -5.96 -6.08
CA GLY B 35 3.60 -6.12 -4.72
C GLY B 35 3.46 -7.56 -4.28
N TRP B 36 3.51 -7.75 -2.96
CA TRP B 36 3.17 -9.00 -2.31
C TRP B 36 1.90 -8.79 -1.46
N PHE B 37 0.99 -9.76 -1.56
CA PHE B 37 -0.22 -9.82 -0.76
C PHE B 37 -0.27 -11.19 -0.10
N ARG B 38 -1.14 -11.33 0.90
CA ARG B 38 -1.36 -12.63 1.51
C ARG B 38 -2.82 -12.82 1.87
N GLN B 39 -3.25 -14.07 1.86
CA GLN B 39 -4.64 -14.44 2.09
C GLN B 39 -4.69 -15.55 3.13
N ALA B 40 -5.11 -15.18 4.33
CA ALA B 40 -5.26 -16.11 5.43
C ALA B 40 -6.57 -16.87 5.25
N PRO B 41 -6.69 -18.04 5.87
CA PRO B 41 -7.89 -18.87 5.66
C PRO B 41 -9.17 -18.11 5.99
N GLY B 42 -10.09 -18.12 5.03
CA GLY B 42 -11.38 -17.47 5.19
C GLY B 42 -11.39 -15.97 5.01
N LYS B 43 -10.27 -15.37 4.61
CA LYS B 43 -10.16 -13.93 4.43
C LYS B 43 -9.83 -13.61 2.97
N GLY B 44 -9.85 -12.32 2.63
CA GLY B 44 -9.40 -11.89 1.32
C GLY B 44 -7.90 -11.57 1.30
N ARG B 45 -7.40 -11.34 0.10
CA ARG B 45 -6.01 -10.92 -0.11
C ARG B 45 -5.79 -9.55 0.50
N GLU B 46 -4.72 -9.39 1.28
CA GLU B 46 -4.41 -8.11 1.86
CA GLU B 46 -4.40 -8.14 1.95
C GLU B 46 -2.92 -7.81 1.75
N PHE B 47 -2.63 -6.51 1.71
CA PHE B 47 -1.29 -6.01 1.40
C PHE B 47 -0.25 -6.52 2.38
N VAL B 48 0.92 -6.86 1.84
CA VAL B 48 2.10 -7.15 2.65
C VAL B 48 3.20 -6.13 2.39
N ALA B 49 3.62 -5.99 1.13
CA ALA B 49 4.74 -5.12 0.81
C ALA B 49 4.70 -4.79 -0.68
N SER B 50 5.34 -3.68 -1.04
CA SER B 50 5.46 -3.29 -2.44
C SER B 50 6.83 -2.65 -2.70
N ILE B 51 7.18 -2.56 -3.98
CA ILE B 51 8.47 -2.05 -4.40
C ILE B 51 8.30 -1.41 -5.77
N THR B 52 8.93 -0.25 -5.96
CA THR B 52 8.85 0.41 -7.24
C THR B 52 9.70 -0.32 -8.28
N SER B 53 9.41 0.00 -9.55
CA SER B 53 10.09 -0.63 -10.68
C SER B 53 11.61 -0.61 -10.54
N SER B 54 12.18 0.52 -10.12
CA SER B 54 13.63 0.62 -10.00
C SER B 54 14.16 -0.07 -8.74
N GLY B 55 13.30 -0.36 -7.77
CA GLY B 55 13.71 -0.87 -6.48
C GLY B 55 14.04 0.19 -5.46
N ASP B 56 13.91 1.47 -5.82
CA ASP B 56 14.39 2.54 -4.95
C ASP B 56 13.45 2.87 -3.80
N LYS B 57 12.19 2.46 -3.86
CA LYS B 57 11.23 2.74 -2.78
C LYS B 57 10.42 1.48 -2.48
N SER B 58 10.13 1.25 -1.21
CA SER B 58 9.37 0.10 -0.77
C SER B 58 8.36 0.56 0.28
N ASP B 59 7.38 -0.29 0.53
CA ASP B 59 6.32 0.01 1.49
C ASP B 59 5.87 -1.30 2.11
N TYR B 60 5.41 -1.23 3.35
CA TYR B 60 5.05 -2.42 4.12
C TYR B 60 3.80 -2.15 4.96
N THR B 61 2.99 -3.19 5.14
CA THR B 61 1.98 -3.12 6.18
C THR B 61 2.66 -3.13 7.55
N ASP B 62 2.04 -2.46 8.52
CA ASP B 62 2.71 -2.21 9.80
C ASP B 62 3.15 -3.50 10.47
N SER B 63 2.34 -4.56 10.38
CA SER B 63 2.59 -5.77 11.16
C SER B 63 3.79 -6.56 10.64
N VAL B 64 4.32 -6.25 9.47
CA VAL B 64 5.52 -6.93 8.95
C VAL B 64 6.73 -6.02 8.89
N LYS B 65 6.58 -4.72 9.13
CA LYS B 65 7.72 -3.82 9.04
C LYS B 65 8.80 -4.26 10.03
N GLY B 66 10.05 -4.27 9.57
CA GLY B 66 11.16 -4.71 10.37
C GLY B 66 11.35 -6.21 10.43
N ARG B 67 10.38 -7.01 9.98
CA ARG B 67 10.49 -8.46 9.92
C ARG B 67 10.63 -8.97 8.49
N PHE B 68 9.92 -8.37 7.55
CA PHE B 68 9.96 -8.78 6.15
C PHE B 68 10.69 -7.72 5.35
N THR B 69 11.39 -8.15 4.30
CA THR B 69 12.08 -7.25 3.38
C THR B 69 11.72 -7.63 1.96
N ILE B 70 11.18 -6.68 1.20
CA ILE B 70 10.93 -6.88 -0.22
C ILE B 70 12.14 -6.40 -1.00
N SER B 71 12.47 -7.11 -2.07
CA SER B 71 13.57 -6.70 -2.93
C SER B 71 13.30 -7.24 -4.33
N ARG B 72 14.10 -6.78 -5.29
CA ARG B 72 13.95 -7.29 -6.64
C ARG B 72 15.31 -7.33 -7.32
N ASP B 73 15.43 -8.21 -8.30
CA ASP B 73 16.62 -8.31 -9.12
C ASP B 73 16.15 -8.16 -10.55
N ASN B 74 16.24 -6.93 -11.07
CA ASN B 74 15.73 -6.66 -12.40
C ASN B 74 16.49 -7.45 -13.46
N ALA B 75 17.78 -7.73 -13.23
CA ALA B 75 18.57 -8.48 -14.21
C ALA B 75 18.09 -9.93 -14.31
N LYS B 76 17.46 -10.45 -13.26
CA LYS B 76 17.02 -11.84 -13.20
C LYS B 76 15.50 -11.96 -13.25
N ASN B 77 14.79 -10.86 -13.47
CA ASN B 77 13.34 -10.89 -13.66
C ASN B 77 12.62 -11.54 -12.49
N THR B 78 13.07 -11.25 -11.26
CA THR B 78 12.51 -11.86 -10.07
C THR B 78 12.41 -10.86 -8.94
N MET B 79 11.35 -10.97 -8.16
CA MET B 79 11.17 -10.24 -6.91
C MET B 79 11.21 -11.23 -5.75
N TYR B 80 11.63 -10.77 -4.58
CA TYR B 80 11.78 -11.62 -3.41
C TYR B 80 11.03 -11.02 -2.22
N LEU B 81 10.68 -11.90 -1.28
CA LEU B 81 10.21 -11.49 0.05
C LEU B 81 11.00 -12.30 1.07
N GLN B 82 11.89 -11.63 1.80
CA GLN B 82 12.63 -12.27 2.88
C GLN B 82 11.79 -12.11 4.14
N MET B 83 11.39 -13.22 4.74
CA MET B 83 10.48 -13.22 5.88
C MET B 83 11.24 -13.71 7.10
N ASN B 84 11.41 -12.84 8.09
CA ASN B 84 12.13 -13.18 9.31
C ASN B 84 11.19 -13.10 10.50
N ASN B 85 11.61 -13.73 11.60
CA ASN B 85 10.87 -13.75 12.86
C ASN B 85 9.39 -14.10 12.63
N LEU B 86 9.18 -15.26 12.02
CA LEU B 86 7.85 -15.67 11.63
C LEU B 86 6.96 -15.87 12.85
N LYS B 87 5.69 -15.51 12.70
CA LYS B 87 4.72 -15.59 13.76
C LYS B 87 3.53 -16.40 13.26
N PRO B 88 2.80 -17.05 14.18
CA PRO B 88 1.62 -17.81 13.76
C PRO B 88 0.68 -17.04 12.84
N GLU B 89 0.53 -15.73 13.06
CA GLU B 89 -0.34 -14.88 12.26
C GLU B 89 0.10 -14.77 10.79
N ASP B 90 1.30 -15.23 10.45
CA ASP B 90 1.81 -15.12 9.09
C ASP B 90 1.41 -16.28 8.18
N THR B 91 0.77 -17.32 8.72
CA THR B 91 0.33 -18.43 7.88
C THR B 91 -0.69 -17.93 6.87
N ALA B 92 -0.46 -18.21 5.58
CA ALA B 92 -1.34 -17.71 4.52
C ALA B 92 -0.83 -18.22 3.19
N THR B 93 -1.67 -18.06 2.16
CA THR B 93 -1.18 -18.08 0.79
C THR B 93 -0.64 -16.69 0.44
N TYR B 94 0.57 -16.64 -0.09
CA TYR B 94 1.21 -15.40 -0.48
C TYR B 94 1.17 -15.28 -2.00
N TYR B 95 0.79 -14.10 -2.48
CA TYR B 95 0.67 -13.82 -3.91
C TYR B 95 1.55 -12.64 -4.28
N CYS B 96 2.21 -12.74 -5.43
CA CYS B 96 2.78 -11.53 -6.03
C CYS B 96 1.87 -11.01 -7.14
N ALA B 97 2.03 -9.73 -7.45
CA ALA B 97 1.17 -9.05 -8.41
C ALA B 97 1.89 -7.85 -8.99
N ARG B 98 1.43 -7.42 -10.18
CA ARG B 98 2.01 -6.28 -10.89
C ARG B 98 1.24 -5.02 -10.52
N GLY B 99 1.98 -3.94 -10.28
CA GLY B 99 1.35 -2.68 -9.95
C GLY B 99 0.62 -2.06 -11.14
N LEU B 100 -0.51 -1.42 -10.84
CA LEU B 100 -1.28 -0.65 -11.80
C LEU B 100 -1.03 0.83 -11.56
N GLY B 101 -0.85 1.58 -12.63
CA GLY B 101 -0.57 3.01 -12.51
C GLY B 101 0.86 3.25 -12.03
N ILE B 102 1.17 4.52 -11.80
CA ILE B 102 2.53 4.91 -11.47
C ILE B 102 2.87 4.85 -9.98
N TYR B 103 1.87 4.72 -9.10
CA TYR B 103 2.09 4.83 -7.66
C TYR B 103 1.84 3.50 -6.96
N ILE B 104 2.81 3.05 -6.16
CA ILE B 104 2.56 1.90 -5.32
C ILE B 104 1.56 2.29 -4.24
N ILE B 105 0.52 1.48 -4.08
CA ILE B 105 -0.48 1.69 -3.05
C ILE B 105 -0.68 0.38 -2.30
N ARG B 106 -1.50 0.43 -1.25
CA ARG B 106 -1.77 -0.75 -0.45
C ARG B 106 -3.05 -1.48 -0.82
N ALA B 107 -3.97 -0.81 -1.54
CA ALA B 107 -5.23 -1.43 -1.89
C ALA B 107 -5.01 -2.65 -2.79
N ARG B 108 -5.87 -3.65 -2.62
CA ARG B 108 -5.87 -4.80 -3.52
C ARG B 108 -6.06 -4.36 -4.97
N GLY B 109 -6.86 -3.31 -5.20
CA GLY B 109 -7.09 -2.81 -6.54
C GLY B 109 -5.93 -2.09 -7.18
N GLY B 110 -4.82 -1.91 -6.46
CA GLY B 110 -3.65 -1.31 -7.05
C GLY B 110 -2.76 -2.23 -7.83
N TYR B 111 -3.17 -3.50 -8.01
CA TYR B 111 -2.33 -4.56 -8.58
C TYR B 111 -3.21 -5.49 -9.39
N ASP B 112 -2.60 -6.19 -10.35
CA ASP B 112 -3.29 -7.24 -11.08
C ASP B 112 -2.28 -8.27 -11.57
N HIS B 113 -2.69 -9.16 -12.46
CA HIS B 113 -1.84 -10.23 -12.97
C HIS B 113 -1.29 -11.09 -11.82
N TRP B 114 -2.16 -11.35 -10.85
CA TRP B 114 -1.82 -12.13 -9.66
C TRP B 114 -1.24 -13.48 -10.04
N GLY B 115 -0.18 -13.88 -9.34
CA GLY B 115 0.30 -15.24 -9.44
C GLY B 115 -0.70 -16.21 -8.82
N GLN B 116 -0.43 -17.50 -9.04
CA GLN B 116 -1.28 -18.54 -8.49
C GLN B 116 -1.10 -18.69 -6.98
N GLY B 117 -0.03 -18.14 -6.41
CA GLY B 117 0.17 -18.15 -4.98
C GLY B 117 1.08 -19.28 -4.52
N THR B 118 1.66 -19.10 -3.33
CA THR B 118 2.37 -20.16 -2.65
C THR B 118 2.02 -20.15 -1.16
N GLN B 119 2.11 -21.31 -0.53
CA GLN B 119 1.64 -21.48 0.83
C GLN B 119 2.80 -21.37 1.81
N VAL B 120 2.58 -20.59 2.88
CA VAL B 120 3.48 -20.53 4.03
C VAL B 120 2.70 -20.96 5.26
N THR B 121 3.25 -21.92 6.00
CA THR B 121 2.65 -22.42 7.23
C THR B 121 3.66 -22.29 8.36
N VAL B 122 3.29 -21.57 9.40
CA VAL B 122 4.09 -21.50 10.60
C VAL B 122 3.71 -22.68 11.49
N SER B 123 4.71 -23.49 11.85
CA SER B 123 4.45 -24.77 12.50
C SER B 123 3.75 -24.59 13.83
N SER B 124 2.95 -25.58 14.20
CA SER B 124 2.21 -25.55 15.45
C SER B 124 2.00 -26.97 15.97
S SO4 C . -13.90 25.55 3.99
O1 SO4 C . -13.79 26.14 2.66
O2 SO4 C . -14.07 26.61 4.98
O3 SO4 C . -12.69 24.80 4.30
O4 SO4 C . -15.06 24.66 4.02
C1 GOL D . -5.51 -11.48 -12.12
O1 GOL D . -4.48 -11.89 -12.94
C2 GOL D . -6.50 -10.75 -13.04
O2 GOL D . -6.81 -11.51 -14.16
C3 GOL D . -5.82 -9.43 -13.40
O3 GOL D . -4.82 -9.69 -14.32
S SO4 E . -10.38 -11.31 -2.36
O1 SO4 E . -11.16 -10.42 -1.49
O2 SO4 E . -10.75 -11.03 -3.75
O3 SO4 E . -10.72 -12.70 -2.06
O4 SO4 E . -8.94 -11.09 -2.17
S SO4 F . -2.27 -6.71 8.41
O1 SO4 F . -2.18 -5.65 7.41
O2 SO4 F . -3.68 -7.03 8.64
O3 SO4 F . -1.57 -7.90 7.94
O4 SO4 F . -1.66 -6.25 9.66
#